data_4LHB
#
_entry.id   4LHB
#
_cell.length_a   125.939
_cell.length_b   125.939
_cell.length_c   73.440
_cell.angle_alpha   90.00
_cell.angle_beta   90.00
_cell.angle_gamma   120.00
#
_symmetry.space_group_name_H-M   'P 31 2 1'
#
loop_
_entity.id
_entity.type
_entity.pdbx_description
1 polymer 'Molybdopterin adenylyltransferase'
2 non-polymer 'SULFATE ION'
3 water water
#
_entity_poly.entity_id   1
_entity_poly.type   'polypeptide(L)'
_entity_poly.pdbx_seq_one_letter_code
;HHHHHHSSGLVPRGSHMMGVEEHKKEAPKTFKFGVITVSDKGAKGEREDKSGPLIIEELSKLGEHVYYKIVPDDKIEVLI
ALFEAIKSGADVVVTTGGTGITRRDITIESIKPLFDKELSFGEVFRAKSYEEVGYATVLTRATAGIIRGQERIVVVFSLP
GSVNAVKTGLEIIKSEVFHILKHARE
;
_entity_poly.pdbx_strand_id   A,B,C
#
# COMPACT_ATOMS: atom_id res chain seq x y z
N PRO A 28 -7.51 -18.21 -12.56
CA PRO A 28 -8.32 -17.13 -11.91
C PRO A 28 -9.80 -17.14 -12.36
N LYS A 29 -10.59 -18.09 -11.86
CA LYS A 29 -11.92 -18.41 -12.47
C LYS A 29 -13.12 -17.57 -11.97
N THR A 30 -13.20 -17.36 -10.66
CA THR A 30 -14.20 -16.44 -10.09
C THR A 30 -13.57 -15.68 -8.87
N PHE A 31 -14.33 -14.79 -8.27
CA PHE A 31 -13.89 -14.03 -7.09
C PHE A 31 -15.12 -13.54 -6.38
N LYS A 32 -14.92 -13.13 -5.14
CA LYS A 32 -15.99 -12.52 -4.34
C LYS A 32 -15.70 -11.02 -4.30
N PHE A 33 -16.73 -10.21 -4.20
CA PHE A 33 -16.51 -8.79 -4.27
C PHE A 33 -17.53 -8.06 -3.43
N GLY A 34 -17.12 -6.93 -2.88
CA GLY A 34 -17.98 -6.11 -2.04
C GLY A 34 -18.05 -4.71 -2.64
N VAL A 35 -18.94 -3.89 -2.08
CA VAL A 35 -19.24 -2.60 -2.66
C VAL A 35 -19.64 -1.72 -1.54
N ILE A 36 -19.09 -0.50 -1.54
CA ILE A 36 -19.33 0.46 -0.47
C ILE A 36 -19.67 1.78 -1.10
N THR A 37 -20.77 2.43 -0.70
CA THR A 37 -20.99 3.74 -1.21
C THR A 37 -20.92 4.79 -0.14
N VAL A 38 -20.12 5.83 -0.45
CA VAL A 38 -19.74 6.82 0.54
C VAL A 38 -20.44 8.07 0.16
N SER A 39 -21.44 8.47 0.95
CA SER A 39 -22.12 9.78 0.84
C SER A 39 -22.98 10.09 2.04
N ASP A 40 -22.74 11.22 2.67
CA ASP A 40 -23.60 11.77 3.72
C ASP A 40 -25.10 11.64 3.35
N LYS A 41 -25.46 12.05 2.15
CA LYS A 41 -26.88 12.07 1.77
C LYS A 41 -27.42 10.66 1.61
N GLY A 42 -26.71 9.83 0.85
CA GLY A 42 -27.11 8.43 0.70
C GLY A 42 -27.27 7.76 2.06
N ALA A 43 -26.34 8.03 2.97
CA ALA A 43 -26.32 7.36 4.26
C ALA A 43 -27.55 7.72 5.07
N LYS A 44 -27.94 9.00 5.03
CA LYS A 44 -29.14 9.51 5.72
C LYS A 44 -30.41 9.30 4.89
N GLY A 45 -30.43 8.36 3.94
CA GLY A 45 -31.59 8.12 3.08
C GLY A 45 -32.20 9.30 2.30
N GLU A 46 -31.48 10.42 2.09
CA GLU A 46 -31.99 11.56 1.31
C GLU A 46 -31.72 11.52 -0.18
N ARG A 47 -30.96 10.56 -0.65
CA ARG A 47 -30.75 10.35 -2.10
C ARG A 47 -30.76 8.84 -2.23
N GLU A 48 -31.28 8.33 -3.33
CA GLU A 48 -31.19 6.91 -3.62
C GLU A 48 -29.77 6.65 -4.17
N ASP A 49 -29.19 5.50 -3.84
CA ASP A 49 -27.89 5.15 -4.37
C ASP A 49 -28.13 4.39 -5.64
N LYS A 50 -27.65 4.91 -6.76
CA LYS A 50 -27.66 4.13 -8.02
C LYS A 50 -26.32 3.54 -8.41
N SER A 51 -25.24 4.14 -7.88
CA SER A 51 -23.85 3.70 -8.19
C SER A 51 -23.53 2.37 -7.56
N GLY A 52 -23.84 2.24 -6.27
CA GLY A 52 -23.60 0.96 -5.62
C GLY A 52 -24.26 -0.16 -6.40
N PRO A 53 -25.57 -0.04 -6.62
CA PRO A 53 -26.23 -1.12 -7.35
C PRO A 53 -25.69 -1.36 -8.77
N LEU A 54 -25.25 -0.30 -9.45
CA LEU A 54 -24.69 -0.53 -10.75
C LEU A 54 -23.43 -1.39 -10.65
N ILE A 55 -22.60 -1.18 -9.59
CA ILE A 55 -21.40 -2.02 -9.45
C ILE A 55 -21.83 -3.47 -9.15
N ILE A 56 -22.80 -3.63 -8.26
CA ILE A 56 -23.32 -4.97 -7.94
C ILE A 56 -23.80 -5.69 -9.21
N GLU A 57 -24.70 -5.07 -9.94
CA GLU A 57 -25.13 -5.68 -11.17
C GLU A 57 -23.98 -6.01 -12.11
N GLU A 58 -23.10 -5.04 -12.34
CA GLU A 58 -22.04 -5.28 -13.34
C GLU A 58 -21.01 -6.28 -12.92
N LEU A 59 -20.66 -6.31 -11.63
CA LEU A 59 -19.63 -7.27 -11.21
C LEU A 59 -20.28 -8.64 -10.98
N SER A 60 -21.58 -8.66 -10.73
CA SER A 60 -22.26 -9.95 -10.61
C SER A 60 -22.17 -10.82 -11.87
N LYS A 61 -21.91 -10.26 -13.03
CA LYS A 61 -21.58 -11.07 -14.21
C LYS A 61 -20.24 -11.80 -14.11
N LEU A 62 -19.35 -11.39 -13.22
CA LEU A 62 -17.97 -11.95 -13.21
C LEU A 62 -17.67 -12.66 -11.91
N GLY A 63 -18.37 -12.30 -10.86
CA GLY A 63 -18.08 -12.91 -9.59
C GLY A 63 -19.24 -12.72 -8.66
N GLU A 64 -18.98 -13.03 -7.40
CA GLU A 64 -20.00 -13.14 -6.46
C GLU A 64 -20.04 -11.97 -5.50
N HIS A 65 -21.17 -11.30 -5.52
CA HIS A 65 -21.48 -10.25 -4.57
C HIS A 65 -21.54 -10.85 -3.21
N VAL A 66 -20.88 -10.27 -2.21
CA VAL A 66 -20.97 -10.73 -0.79
C VAL A 66 -21.15 -9.60 0.23
N TYR A 67 -21.09 -8.34 -0.18
CA TYR A 67 -21.21 -7.25 0.80
C TYR A 67 -21.57 -5.95 0.09
N TYR A 68 -22.49 -5.20 0.66
CA TYR A 68 -22.83 -3.90 0.20
C TYR A 68 -23.18 -3.09 1.42
N LYS A 69 -22.65 -1.88 1.56
CA LYS A 69 -23.13 -0.97 2.59
C LYS A 69 -23.02 0.48 2.14
N ILE A 70 -23.87 1.38 2.64
CA ILE A 70 -23.77 2.83 2.40
C ILE A 70 -23.29 3.41 3.73
N VAL A 71 -22.36 4.37 3.67
CA VAL A 71 -21.70 4.92 4.85
C VAL A 71 -21.55 6.43 4.59
N PRO A 72 -21.59 7.23 5.64
CA PRO A 72 -21.37 8.67 5.46
C PRO A 72 -19.95 8.96 5.03
N ASP A 73 -19.63 10.23 4.86
CA ASP A 73 -18.30 10.59 4.39
C ASP A 73 -17.47 10.77 5.62
N ASP A 74 -17.05 9.61 6.17
CA ASP A 74 -16.49 9.52 7.52
C ASP A 74 -15.42 8.41 7.59
N LYS A 75 -14.19 8.78 7.93
CA LYS A 75 -13.06 7.86 7.84
C LYS A 75 -13.24 6.52 8.57
N ILE A 76 -13.78 6.58 9.78
CA ILE A 76 -14.08 5.38 10.57
C ILE A 76 -15.18 4.49 9.99
N GLU A 77 -16.30 5.09 9.57
CA GLU A 77 -17.36 4.33 8.94
C GLU A 77 -16.90 3.72 7.63
N VAL A 78 -16.14 4.49 6.82
CA VAL A 78 -15.57 3.88 5.61
C VAL A 78 -14.65 2.70 5.93
N LEU A 79 -13.75 2.89 6.88
CA LEU A 79 -12.87 1.76 7.19
C LEU A 79 -13.57 0.54 7.87
N ILE A 80 -14.54 0.78 8.77
CA ILE A 80 -15.39 -0.32 9.29
C ILE A 80 -15.96 -1.09 8.07
N ALA A 81 -16.55 -0.37 7.10
CA ALA A 81 -17.12 -1.08 5.97
C ALA A 81 -16.08 -1.78 5.15
N LEU A 82 -14.94 -1.16 4.89
CA LEU A 82 -13.89 -1.92 4.12
C LEU A 82 -13.53 -3.25 4.84
N PHE A 83 -13.36 -3.22 6.15
CA PHE A 83 -12.92 -4.45 6.76
C PHE A 83 -14.03 -5.49 6.95
N GLU A 84 -15.26 -5.04 7.15
CA GLU A 84 -16.39 -6.00 7.08
C GLU A 84 -16.49 -6.69 5.73
N ALA A 85 -16.33 -5.94 4.67
CA ALA A 85 -16.43 -6.51 3.35
C ALA A 85 -15.35 -7.52 3.22
N ILE A 86 -14.15 -7.18 3.69
CA ILE A 86 -13.02 -8.17 3.63
C ILE A 86 -13.30 -9.41 4.55
N LYS A 87 -13.81 -9.16 5.75
CA LYS A 87 -14.19 -10.28 6.59
C LYS A 87 -15.17 -11.20 5.92
N SER A 88 -16.19 -10.64 5.27
CA SER A 88 -17.13 -11.43 4.51
C SER A 88 -16.58 -12.18 3.33
N GLY A 89 -15.27 -12.20 3.08
CA GLY A 89 -14.73 -12.91 1.94
C GLY A 89 -14.33 -12.17 0.66
N ALA A 90 -14.61 -10.87 0.60
CA ALA A 90 -14.32 -10.09 -0.62
C ALA A 90 -12.86 -10.18 -0.99
N ASP A 91 -12.57 -10.58 -2.21
CA ASP A 91 -11.22 -10.50 -2.77
C ASP A 91 -11.00 -9.18 -3.47
N VAL A 92 -12.10 -8.50 -3.82
CA VAL A 92 -12.11 -7.25 -4.56
C VAL A 92 -13.13 -6.42 -3.84
N VAL A 93 -12.83 -5.15 -3.62
CA VAL A 93 -13.83 -4.27 -3.06
C VAL A 93 -13.78 -2.97 -3.84
N VAL A 94 -14.93 -2.44 -4.18
CA VAL A 94 -14.99 -1.18 -4.86
C VAL A 94 -15.80 -0.21 -4.05
N THR A 95 -15.22 0.94 -3.82
CA THR A 95 -15.94 1.99 -3.19
C THR A 95 -16.30 3.03 -4.24
N THR A 96 -17.38 3.77 -4.02
CA THR A 96 -17.80 4.80 -4.94
C THR A 96 -18.12 5.99 -4.11
N GLY A 97 -17.47 7.11 -4.38
CA GLY A 97 -17.74 8.29 -3.58
C GLY A 97 -16.59 8.71 -2.67
N GLY A 98 -16.60 10.00 -2.36
CA GLY A 98 -15.68 10.64 -1.48
C GLY A 98 -14.30 10.82 -2.02
N THR A 99 -14.13 10.76 -3.35
CA THR A 99 -12.81 10.88 -3.92
C THR A 99 -12.40 12.28 -4.33
N GLY A 100 -13.27 13.27 -4.11
CA GLY A 100 -13.10 14.61 -4.70
C GLY A 100 -12.24 15.45 -3.80
N ILE A 101 -12.35 16.78 -3.91
CA ILE A 101 -11.38 17.67 -3.25
C ILE A 101 -12.00 18.55 -2.20
N THR A 102 -13.22 18.22 -1.78
CA THR A 102 -13.91 18.98 -0.73
C THR A 102 -13.37 18.53 0.61
N ARG A 103 -13.76 19.28 1.65
CA ARG A 103 -13.38 19.01 3.03
C ARG A 103 -13.96 17.72 3.53
N ARG A 104 -15.19 17.39 3.12
CA ARG A 104 -15.77 16.08 3.45
C ARG A 104 -15.09 14.87 2.76
N ASP A 105 -14.35 15.09 1.68
CA ASP A 105 -13.86 13.96 0.90
C ASP A 105 -12.63 13.33 1.59
N ILE A 106 -12.79 12.07 2.04
CA ILE A 106 -11.75 11.37 2.79
C ILE A 106 -11.51 9.96 2.34
N THR A 107 -12.16 9.51 1.27
CA THR A 107 -12.02 8.10 0.87
C THR A 107 -10.62 7.66 0.52
N ILE A 108 -9.96 8.41 -0.35
CA ILE A 108 -8.64 8.02 -0.79
C ILE A 108 -7.63 8.23 0.34
N GLU A 109 -7.77 9.30 1.11
CA GLU A 109 -6.83 9.54 2.18
C GLU A 109 -6.89 8.42 3.23
N SER A 110 -8.09 7.86 3.46
CA SER A 110 -8.30 6.79 4.41
C SER A 110 -7.78 5.46 3.94
N ILE A 111 -7.92 5.18 2.64
CA ILE A 111 -7.64 3.83 2.14
C ILE A 111 -6.24 3.69 1.56
N LYS A 112 -5.79 4.65 0.77
CA LYS A 112 -4.49 4.56 0.09
C LYS A 112 -3.28 4.19 1.01
N PRO A 113 -3.19 4.76 2.22
CA PRO A 113 -2.08 4.34 3.14
C PRO A 113 -1.96 2.83 3.51
N LEU A 114 -3.04 2.05 3.35
CA LEU A 114 -3.06 0.61 3.57
C LEU A 114 -2.50 -0.22 2.43
N PHE A 115 -2.26 0.35 1.27
CA PHE A 115 -1.84 -0.41 0.12
C PHE A 115 -0.43 -0.97 0.26
N ASP A 116 -0.19 -2.18 -0.19
CA ASP A 116 1.17 -2.65 -0.26
C ASP A 116 1.66 -2.57 -1.67
N LYS A 117 0.76 -2.59 -2.65
CA LYS A 117 1.14 -2.27 -4.01
C LYS A 117 0.12 -1.32 -4.52
N GLU A 118 0.55 -0.32 -5.26
CA GLU A 118 -0.41 0.58 -5.85
C GLU A 118 -0.47 0.32 -7.36
N LEU A 119 -1.67 0.18 -7.90
CA LEU A 119 -1.84 0.01 -9.37
C LEU A 119 -1.96 1.34 -10.09
N SER A 120 -1.80 1.33 -11.40
CA SER A 120 -1.99 2.54 -12.22
C SER A 120 -3.43 2.79 -12.65
N PHE A 121 -4.42 2.38 -11.85
CA PHE A 121 -5.85 2.57 -12.17
C PHE A 121 -6.24 4.02 -12.45
N GLY A 122 -5.85 4.94 -11.58
CA GLY A 122 -6.32 6.30 -11.68
C GLY A 122 -5.89 6.93 -12.99
N GLU A 123 -4.72 6.53 -13.42
CA GLU A 123 -4.16 7.04 -14.62
C GLU A 123 -4.95 6.51 -15.81
N VAL A 124 -5.23 5.22 -15.86
CA VAL A 124 -5.97 4.66 -17.00
C VAL A 124 -7.41 5.13 -16.91
N PHE A 125 -7.93 5.31 -15.69
CA PHE A 125 -9.27 5.76 -15.54
C PHE A 125 -9.32 7.14 -16.17
N ARG A 126 -8.34 8.01 -15.87
CA ARG A 126 -8.35 9.40 -16.39
C ARG A 126 -8.22 9.50 -17.91
N ALA A 127 -7.41 8.64 -18.52
CA ALA A 127 -7.23 8.69 -19.95
C ALA A 127 -8.55 8.34 -20.61
N LYS A 128 -9.28 7.39 -20.07
CA LYS A 128 -10.56 7.07 -20.67
C LYS A 128 -11.57 8.20 -20.42
N SER A 129 -11.67 8.69 -19.19
CA SER A 129 -12.57 9.80 -18.86
C SER A 129 -12.26 11.10 -19.58
N TYR A 130 -11.11 11.19 -20.26
CA TYR A 130 -10.77 12.39 -21.00
C TYR A 130 -11.80 12.54 -22.11
N GLU A 131 -11.93 11.50 -22.94
CA GLU A 131 -12.99 11.38 -23.96
C GLU A 131 -14.31 11.94 -23.47
N GLU A 132 -14.69 11.63 -22.24
CA GLU A 132 -16.01 12.01 -21.69
C GLU A 132 -16.07 13.31 -20.92
N VAL A 133 -14.94 13.87 -20.48
CA VAL A 133 -15.01 15.14 -19.71
C VAL A 133 -13.83 16.05 -19.98
N GLY A 134 -12.97 15.67 -20.92
CA GLY A 134 -11.72 16.39 -21.16
C GLY A 134 -10.94 16.87 -19.94
N TYR A 135 -10.66 18.17 -19.94
CA TYR A 135 -9.85 18.80 -18.92
C TYR A 135 -10.47 18.74 -17.52
N ALA A 136 -11.74 18.34 -17.40
CA ALA A 136 -12.34 18.10 -16.05
C ALA A 136 -11.69 16.92 -15.31
N THR A 137 -10.94 16.07 -16.02
CA THR A 137 -10.20 15.00 -15.36
C THR A 137 -9.12 15.51 -14.41
N VAL A 138 -8.71 16.76 -14.55
CA VAL A 138 -7.93 17.43 -13.51
C VAL A 138 -8.55 17.27 -12.13
N LEU A 139 -9.86 17.08 -12.04
CA LEU A 139 -10.54 16.93 -10.76
C LEU A 139 -10.98 15.48 -10.51
N THR A 140 -10.78 14.63 -11.50
CA THR A 140 -11.06 13.20 -11.41
C THR A 140 -10.06 12.49 -10.53
N ARG A 141 -10.54 11.89 -9.45
CA ARG A 141 -9.63 11.16 -8.59
C ARG A 141 -10.16 9.78 -8.37
N ALA A 142 -9.26 8.82 -8.39
CA ALA A 142 -9.68 7.43 -8.43
C ALA A 142 -8.44 6.67 -8.28
N THR A 143 -8.47 5.59 -7.53
CA THR A 143 -7.28 4.78 -7.31
C THR A 143 -7.60 3.32 -7.15
N ALA A 144 -6.53 2.54 -7.17
CA ALA A 144 -6.60 1.14 -6.85
C ALA A 144 -5.25 0.56 -6.34
N GLY A 145 -5.39 -0.42 -5.44
CA GLY A 145 -4.29 -1.03 -4.72
C GLY A 145 -4.57 -2.42 -4.18
N ILE A 146 -3.49 -3.03 -3.73
CA ILE A 146 -3.52 -4.34 -3.15
C ILE A 146 -3.16 -4.23 -1.70
N ILE A 147 -4.07 -4.75 -0.85
CA ILE A 147 -3.82 -4.95 0.61
C ILE A 147 -3.48 -6.41 0.77
N ARG A 148 -2.30 -6.71 1.29
CA ARG A 148 -1.84 -8.09 1.55
C ARG A 148 -1.85 -8.53 3.00
N GLY A 149 -2.29 -9.76 3.21
CA GLY A 149 -2.07 -10.50 4.47
C GLY A 149 -0.88 -11.42 4.29
N GLN A 150 -0.75 -12.43 5.14
CA GLN A 150 0.38 -13.35 5.01
C GLN A 150 0.22 -14.12 3.72
N GLU A 151 -1.00 -14.57 3.45
CA GLU A 151 -1.35 -15.30 2.24
C GLU A 151 -2.36 -14.48 1.37
N ARG A 152 -3.45 -14.09 2.01
CA ARG A 152 -4.54 -13.41 1.37
C ARG A 152 -4.21 -12.05 0.74
N ILE A 153 -4.98 -11.70 -0.30
CA ILE A 153 -4.81 -10.51 -1.15
C ILE A 153 -6.16 -9.90 -1.36
N VAL A 154 -6.29 -8.58 -1.18
CA VAL A 154 -7.52 -7.88 -1.57
C VAL A 154 -7.24 -6.74 -2.54
N VAL A 155 -8.06 -6.58 -3.58
CA VAL A 155 -7.87 -5.50 -4.52
C VAL A 155 -8.92 -4.52 -4.17
N VAL A 156 -8.51 -3.29 -3.88
CA VAL A 156 -9.47 -2.20 -3.72
C VAL A 156 -9.46 -1.15 -4.84
N PHE A 157 -10.63 -0.75 -5.32
CA PHE A 157 -10.82 0.22 -6.39
C PHE A 157 -11.67 1.28 -5.74
N SER A 158 -11.29 2.54 -5.88
CA SER A 158 -12.05 3.60 -5.31
C SER A 158 -12.40 4.54 -6.43
N LEU A 159 -13.69 4.61 -6.72
CA LEU A 159 -14.22 5.42 -7.82
C LEU A 159 -14.95 6.66 -7.32
N PRO A 160 -15.13 7.63 -8.21
CA PRO A 160 -15.90 8.85 -7.86
C PRO A 160 -17.32 8.47 -7.64
N GLY A 161 -18.11 9.36 -7.05
CA GLY A 161 -19.52 9.07 -6.70
C GLY A 161 -20.55 9.06 -7.85
N SER A 162 -20.30 9.80 -8.92
CA SER A 162 -21.33 9.92 -9.96
C SER A 162 -21.49 8.57 -10.64
N VAL A 163 -22.73 8.32 -11.07
CA VAL A 163 -23.14 7.11 -11.77
C VAL A 163 -22.33 6.91 -13.01
N ASN A 164 -22.03 8.04 -13.66
CA ASN A 164 -21.37 7.98 -14.96
C ASN A 164 -19.89 7.72 -14.82
N ALA A 165 -19.29 8.37 -13.83
CA ALA A 165 -17.89 8.10 -13.47
C ALA A 165 -17.76 6.61 -13.24
N VAL A 166 -18.66 6.06 -12.41
CA VAL A 166 -18.67 4.62 -12.09
C VAL A 166 -18.85 3.68 -13.29
N LYS A 167 -19.85 3.98 -14.10
CA LYS A 167 -20.07 3.25 -15.37
C LYS A 167 -18.76 3.13 -16.16
N THR A 168 -18.02 4.23 -16.26
CA THR A 168 -16.71 4.23 -16.95
C THR A 168 -15.66 3.41 -16.21
N GLY A 169 -15.55 3.62 -14.90
CA GLY A 169 -14.70 2.78 -14.08
C GLY A 169 -14.95 1.30 -14.27
N LEU A 170 -16.23 0.92 -14.26
CA LEU A 170 -16.56 -0.50 -14.41
C LEU A 170 -16.02 -1.17 -15.67
N GLU A 171 -16.02 -0.47 -16.80
CA GLU A 171 -15.50 -1.05 -18.06
C GLU A 171 -14.07 -1.57 -17.83
N ILE A 172 -13.29 -0.76 -17.11
CA ILE A 172 -11.90 -1.05 -16.86
C ILE A 172 -11.82 -2.17 -15.83
N ILE A 173 -12.60 -2.06 -14.76
CA ILE A 173 -12.57 -3.12 -13.76
C ILE A 173 -12.97 -4.45 -14.38
N LYS A 174 -14.07 -4.49 -15.13
CA LYS A 174 -14.51 -5.77 -15.77
C LYS A 174 -13.40 -6.35 -16.60
N SER A 175 -12.83 -5.52 -17.41
CA SER A 175 -11.76 -5.94 -18.29
C SER A 175 -10.52 -6.49 -17.58
N GLU A 176 -10.18 -5.93 -16.42
CA GLU A 176 -8.86 -6.19 -15.85
C GLU A 176 -8.83 -6.98 -14.58
N VAL A 177 -9.98 -7.10 -13.93
CA VAL A 177 -10.02 -7.66 -12.58
C VAL A 177 -9.37 -9.06 -12.51
N PHE A 178 -9.60 -9.90 -13.51
CA PHE A 178 -8.99 -11.23 -13.49
C PHE A 178 -7.48 -11.16 -13.62
N HIS A 179 -7.02 -10.37 -14.58
CA HIS A 179 -5.62 -10.16 -14.80
C HIS A 179 -4.99 -9.70 -13.46
N ILE A 180 -5.63 -8.74 -12.77
CA ILE A 180 -5.05 -8.20 -11.54
C ILE A 180 -4.94 -9.27 -10.46
N LEU A 181 -5.97 -10.12 -10.34
CA LEU A 181 -6.02 -11.13 -9.27
C LEU A 181 -4.97 -12.16 -9.52
N LYS A 182 -4.80 -12.57 -10.76
CA LYS A 182 -3.87 -13.62 -11.11
C LYS A 182 -2.49 -13.20 -10.66
N HIS A 183 -2.08 -11.98 -11.04
CA HIS A 183 -0.79 -11.48 -10.63
C HIS A 183 -0.70 -11.14 -9.17
N ALA A 184 -1.74 -10.53 -8.58
CA ALA A 184 -1.68 -10.19 -7.16
C ALA A 184 -1.35 -11.41 -6.28
N ARG A 185 -1.87 -12.57 -6.66
CA ARG A 185 -1.68 -13.82 -5.93
C ARG A 185 -0.35 -14.51 -6.31
N GLU A 186 0.76 -13.77 -6.24
CA GLU A 186 2.12 -14.32 -6.53
C GLU A 186 2.15 -15.17 -7.81
N LYS B 29 -15.08 10.72 31.91
CA LYS B 29 -15.43 9.89 33.12
C LYS B 29 -15.36 8.37 32.86
N THR B 30 -15.83 7.89 31.71
CA THR B 30 -15.40 6.57 31.19
C THR B 30 -15.25 6.54 29.68
N PHE B 31 -14.85 5.37 29.22
CA PHE B 31 -14.71 5.09 27.85
C PHE B 31 -14.95 3.63 27.75
N LYS B 32 -15.17 3.16 26.55
CA LYS B 32 -15.23 1.75 26.24
C LYS B 32 -13.90 1.41 25.56
N PHE B 33 -13.48 0.16 25.63
CA PHE B 33 -12.18 -0.23 25.12
C PHE B 33 -12.10 -1.67 24.61
N GLY B 34 -11.14 -1.94 23.73
CA GLY B 34 -11.00 -3.25 23.16
C GLY B 34 -9.53 -3.64 23.24
N VAL B 35 -9.24 -4.93 23.07
CA VAL B 35 -7.92 -5.47 23.27
C VAL B 35 -7.73 -6.50 22.17
N ILE B 36 -6.59 -6.43 21.51
CA ILE B 36 -6.24 -7.38 20.46
C ILE B 36 -4.88 -7.91 20.76
N THR B 37 -4.69 -9.21 20.68
CA THR B 37 -3.37 -9.69 20.90
C THR B 37 -3.04 -10.35 19.64
N VAL B 38 -1.83 -10.08 19.17
CA VAL B 38 -1.38 -10.49 17.85
C VAL B 38 -0.31 -11.53 18.08
N SER B 39 -0.61 -12.76 17.72
CA SER B 39 0.47 -13.76 17.53
C SER B 39 -0.05 -14.99 16.82
N ASP B 40 0.76 -15.48 15.89
CA ASP B 40 0.52 -16.71 15.16
C ASP B 40 0.22 -17.90 16.09
N LYS B 41 1.08 -18.11 17.09
CA LYS B 41 0.95 -19.25 18.00
C LYS B 41 -0.28 -19.05 18.85
N GLY B 42 -0.34 -17.90 19.48
CA GLY B 42 -1.55 -17.53 20.19
C GLY B 42 -2.82 -17.84 19.43
N ALA B 43 -2.83 -17.62 18.11
CA ALA B 43 -4.09 -17.73 17.34
C ALA B 43 -4.37 -19.18 16.97
N LYS B 44 -3.30 -19.94 16.68
CA LYS B 44 -3.35 -21.39 16.47
C LYS B 44 -3.66 -22.13 17.80
N GLY B 45 -4.01 -21.43 18.88
CA GLY B 45 -4.27 -22.07 20.17
C GLY B 45 -3.04 -22.64 20.88
N GLU B 46 -1.89 -22.68 20.21
CA GLU B 46 -0.74 -23.43 20.73
C GLU B 46 0.19 -22.63 21.67
N ARG B 47 -0.38 -21.64 22.34
CA ARG B 47 0.31 -20.86 23.37
C ARG B 47 -0.80 -20.07 24.05
N GLU B 48 -0.63 -19.77 25.32
CA GLU B 48 -1.65 -19.07 26.05
C GLU B 48 -1.39 -17.55 26.01
N ASP B 49 -2.48 -16.78 25.95
CA ASP B 49 -2.39 -15.34 26.00
C ASP B 49 -2.52 -14.83 27.44
N LYS B 50 -1.38 -14.50 28.03
CA LYS B 50 -1.39 -13.93 29.36
C LYS B 50 -1.58 -12.44 29.23
N SER B 51 -0.93 -11.82 28.22
CA SER B 51 -0.92 -10.34 28.04
C SER B 51 -2.30 -9.67 27.83
N GLY B 52 -3.12 -10.24 26.96
CA GLY B 52 -4.45 -9.72 26.78
C GLY B 52 -5.22 -9.57 28.09
N PRO B 53 -5.44 -10.71 28.80
CA PRO B 53 -6.24 -10.71 30.03
C PRO B 53 -5.74 -9.66 30.98
N LEU B 54 -4.43 -9.57 31.09
CA LEU B 54 -3.84 -8.53 31.90
C LEU B 54 -4.31 -7.13 31.51
N ILE B 55 -4.36 -6.80 30.21
CA ILE B 55 -4.87 -5.50 29.74
C ILE B 55 -6.34 -5.35 30.10
N ILE B 56 -7.11 -6.41 29.87
CA ILE B 56 -8.55 -6.42 30.18
C ILE B 56 -8.83 -6.18 31.66
N GLU B 57 -8.08 -6.92 32.49
CA GLU B 57 -8.17 -6.76 33.91
C GLU B 57 -7.92 -5.29 34.21
N GLU B 58 -6.77 -4.75 33.82
CA GLU B 58 -6.40 -3.43 34.34
C GLU B 58 -7.34 -2.31 33.91
N LEU B 59 -7.78 -2.35 32.66
CA LEU B 59 -8.47 -1.19 32.08
C LEU B 59 -9.94 -1.21 32.48
N SER B 60 -10.47 -2.42 32.74
CA SER B 60 -11.78 -2.59 33.44
C SER B 60 -11.87 -1.76 34.76
N LYS B 61 -10.76 -1.51 35.42
CA LYS B 61 -10.84 -0.62 36.57
C LYS B 61 -11.21 0.78 36.09
N LEU B 62 -10.70 1.22 34.96
CA LEU B 62 -10.93 2.63 34.50
C LEU B 62 -12.12 2.80 33.54
N GLY B 63 -12.50 1.74 32.82
CA GLY B 63 -13.59 1.85 31.86
C GLY B 63 -14.11 0.53 31.38
N GLU B 64 -15.09 0.58 30.50
CA GLU B 64 -15.84 -0.58 30.04
C GLU B 64 -15.25 -1.40 28.89
N HIS B 65 -15.28 -2.71 29.02
CA HIS B 65 -14.61 -3.63 28.11
C HIS B 65 -15.62 -4.09 27.12
N VAL B 66 -15.37 -3.89 25.82
CA VAL B 66 -16.36 -4.22 24.81
C VAL B 66 -15.91 -5.14 23.70
N TYR B 67 -14.62 -5.53 23.69
CA TYR B 67 -14.08 -6.36 22.60
C TYR B 67 -12.79 -7.05 23.00
N TYR B 68 -12.60 -8.29 22.55
CA TYR B 68 -11.30 -8.93 22.66
C TYR B 68 -11.14 -9.96 21.61
N LYS B 69 -9.98 -10.08 21.00
CA LYS B 69 -9.76 -11.13 20.03
C LYS B 69 -8.28 -11.43 19.86
N ILE B 70 -7.95 -12.65 19.49
CA ILE B 70 -6.58 -13.00 19.29
C ILE B 70 -6.50 -13.24 17.82
N VAL B 71 -5.48 -12.63 17.17
CA VAL B 71 -5.31 -12.74 15.71
C VAL B 71 -3.90 -13.13 15.32
N PRO B 72 -3.73 -13.69 14.14
CA PRO B 72 -2.35 -13.93 13.76
C PRO B 72 -1.63 -12.66 13.40
N ASP B 73 -0.36 -12.81 13.16
CA ASP B 73 0.52 -11.72 12.93
C ASP B 73 0.38 -11.45 11.42
N ASP B 74 -0.76 -10.83 11.09
CA ASP B 74 -1.31 -10.71 9.70
C ASP B 74 -2.11 -9.41 9.56
N LYS B 75 -1.73 -8.63 8.55
CA LYS B 75 -2.25 -7.27 8.40
C LYS B 75 -3.71 -7.29 8.28
N ILE B 76 -4.26 -8.20 7.48
CA ILE B 76 -5.69 -8.15 7.17
C ILE B 76 -6.38 -8.48 8.48
N GLU B 77 -5.84 -9.46 9.22
CA GLU B 77 -6.49 -9.96 10.45
C GLU B 77 -6.47 -8.96 11.54
N VAL B 78 -5.30 -8.33 11.70
CA VAL B 78 -5.17 -7.19 12.64
C VAL B 78 -6.18 -6.05 12.37
N LEU B 79 -6.35 -5.70 11.10
CA LEU B 79 -7.21 -4.52 10.77
C LEU B 79 -8.67 -4.89 10.93
N ILE B 80 -9.03 -6.11 10.50
CA ILE B 80 -10.39 -6.59 10.73
C ILE B 80 -10.69 -6.45 12.21
N ALA B 81 -9.79 -6.90 13.08
CA ALA B 81 -10.06 -6.82 14.50
C ALA B 81 -10.16 -5.39 14.91
N LEU B 82 -9.20 -4.59 14.51
CA LEU B 82 -9.19 -3.18 14.96
C LEU B 82 -10.52 -2.54 14.71
N PHE B 83 -11.04 -2.74 13.51
CA PHE B 83 -12.30 -2.07 13.15
C PHE B 83 -13.54 -2.74 13.71
N GLU B 84 -13.51 -4.04 13.91
CA GLU B 84 -14.52 -4.70 14.78
C GLU B 84 -14.57 -4.08 16.17
N ALA B 85 -13.44 -3.96 16.83
CA ALA B 85 -13.45 -3.31 18.15
C ALA B 85 -14.11 -1.99 18.03
N ILE B 86 -13.68 -1.19 17.03
CA ILE B 86 -14.15 0.20 16.95
C ILE B 86 -15.62 0.20 16.65
N LYS B 87 -16.04 -0.74 15.83
CA LYS B 87 -17.47 -0.87 15.58
C LYS B 87 -18.28 -1.25 16.82
N SER B 88 -17.74 -2.10 17.68
CA SER B 88 -18.34 -2.39 18.98
C SER B 88 -18.44 -1.23 19.94
N GLY B 89 -17.79 -0.11 19.65
CA GLY B 89 -17.88 1.06 20.52
C GLY B 89 -16.59 1.48 21.15
N ALA B 90 -15.47 0.79 20.91
CA ALA B 90 -14.23 1.15 21.63
C ALA B 90 -13.80 2.58 21.34
N ASP B 91 -13.55 3.37 22.36
CA ASP B 91 -12.92 4.69 22.22
C ASP B 91 -11.40 4.57 22.29
N VAL B 92 -10.95 3.44 22.82
CA VAL B 92 -9.55 3.12 23.11
C VAL B 92 -9.43 1.68 22.73
N VAL B 93 -8.39 1.36 22.00
CA VAL B 93 -8.10 -0.02 21.61
C VAL B 93 -6.62 -0.24 21.89
N VAL B 94 -6.28 -1.32 22.60
CA VAL B 94 -4.90 -1.65 22.84
C VAL B 94 -4.55 -2.96 22.23
N THR B 95 -3.43 -2.96 21.53
CA THR B 95 -3.04 -4.16 20.79
C THR B 95 -1.77 -4.58 21.45
N THR B 96 -1.49 -5.87 21.38
CA THR B 96 -0.24 -6.31 22.00
C THR B 96 0.37 -7.34 21.14
N GLY B 97 1.67 -7.20 20.89
CA GLY B 97 2.33 -8.10 19.93
C GLY B 97 2.47 -7.54 18.50
N GLY B 98 3.45 -8.08 17.80
CA GLY B 98 3.68 -7.78 16.40
C GLY B 98 4.46 -6.50 16.12
N THR B 99 4.94 -5.82 17.19
CA THR B 99 5.67 -4.57 17.04
C THR B 99 7.18 -4.76 16.85
N GLY B 100 7.65 -5.99 16.66
CA GLY B 100 9.09 -6.22 16.57
C GLY B 100 9.68 -6.01 15.21
N ILE B 101 10.92 -6.46 15.02
CA ILE B 101 11.67 -6.26 13.79
C ILE B 101 11.80 -7.52 12.96
N THR B 102 10.99 -8.53 13.21
CA THR B 102 11.06 -9.77 12.44
C THR B 102 10.16 -9.53 11.24
N ARG B 103 10.35 -10.36 10.23
CA ARG B 103 9.53 -10.31 9.02
C ARG B 103 8.03 -10.42 9.29
N ARG B 104 7.64 -11.24 10.25
CA ARG B 104 6.25 -11.39 10.67
C ARG B 104 5.65 -10.10 11.25
N ASP B 105 6.46 -9.31 11.95
CA ASP B 105 5.93 -8.22 12.76
C ASP B 105 5.38 -7.11 11.85
N ILE B 106 4.07 -7.00 11.82
CA ILE B 106 3.40 -6.04 10.97
C ILE B 106 2.44 -5.10 11.70
N THR B 107 2.44 -5.11 13.03
CA THR B 107 1.37 -4.42 13.72
C THR B 107 1.40 -2.91 13.55
N ILE B 108 2.58 -2.31 13.74
CA ILE B 108 2.78 -0.89 13.63
C ILE B 108 2.69 -0.43 12.14
N GLU B 109 3.45 -1.09 11.28
CA GLU B 109 3.32 -0.79 9.87
C GLU B 109 1.85 -0.83 9.46
N SER B 110 1.03 -1.66 10.11
CA SER B 110 -0.33 -1.85 9.67
C SER B 110 -1.24 -0.68 10.16
N ILE B 111 -1.00 -0.16 11.37
CA ILE B 111 -1.92 0.74 12.07
C ILE B 111 -1.49 2.23 12.00
N LYS B 112 -0.20 2.50 12.17
CA LYS B 112 0.38 3.88 12.12
C LYS B 112 -0.14 4.71 10.94
N PRO B 113 -0.16 4.12 9.72
CA PRO B 113 -0.65 4.92 8.59
C PRO B 113 -2.07 5.46 8.72
N LEU B 114 -2.87 4.86 9.58
CA LEU B 114 -4.19 5.37 9.84
C LEU B 114 -4.26 6.53 10.82
N PHE B 115 -3.16 6.88 11.47
CA PHE B 115 -3.26 7.94 12.48
C PHE B 115 -3.43 9.32 11.85
N ASP B 116 -4.42 10.07 12.29
CA ASP B 116 -4.53 11.52 12.02
C ASP B 116 -3.68 12.34 12.99
N LYS B 117 -3.45 11.88 14.21
CA LYS B 117 -2.43 12.54 15.10
C LYS B 117 -1.62 11.44 15.74
N GLU B 118 -0.32 11.56 15.82
CA GLU B 118 0.45 10.52 16.51
C GLU B 118 0.96 11.03 17.88
N LEU B 119 0.80 10.23 18.93
CA LEU B 119 1.24 10.68 20.27
C LEU B 119 2.70 10.32 20.45
N SER B 120 3.35 10.86 21.47
CA SER B 120 4.77 10.53 21.73
C SER B 120 4.89 9.35 22.73
N PHE B 121 3.95 8.41 22.62
CA PHE B 121 3.85 7.23 23.47
C PHE B 121 5.06 6.33 23.37
N GLY B 122 5.47 5.96 22.16
CA GLY B 122 6.63 5.09 22.05
C GLY B 122 7.89 5.62 22.76
N GLU B 123 8.02 6.94 22.78
CA GLU B 123 9.22 7.57 23.33
C GLU B 123 9.23 7.49 24.85
N VAL B 124 8.09 7.85 25.42
CA VAL B 124 7.88 7.77 26.85
C VAL B 124 8.03 6.31 27.29
N PHE B 125 7.32 5.42 26.59
CA PHE B 125 7.44 3.98 26.85
C PHE B 125 8.91 3.57 26.85
N ARG B 126 9.68 4.10 25.93
CA ARG B 126 11.05 3.64 25.87
C ARG B 126 11.87 4.18 27.03
N ALA B 127 11.65 5.44 27.42
CA ALA B 127 12.34 5.96 28.60
C ALA B 127 12.00 5.08 29.80
N LYS B 128 10.74 4.72 29.97
CA LYS B 128 10.40 3.94 31.15
C LYS B 128 11.04 2.55 31.11
N SER B 129 11.14 1.95 29.93
CA SER B 129 11.80 0.66 29.80
C SER B 129 13.32 0.71 29.99
N TYR B 130 13.96 1.78 29.50
CA TYR B 130 15.40 1.97 29.60
C TYR B 130 15.87 1.88 31.04
N GLU B 131 14.94 1.93 31.99
CA GLU B 131 15.23 1.69 33.42
C GLU B 131 15.17 0.20 33.83
N GLU B 132 14.34 -0.62 33.18
CA GLU B 132 14.41 -2.08 33.40
C GLU B 132 15.51 -2.68 32.53
N VAL B 133 15.46 -2.47 31.21
CA VAL B 133 16.28 -3.27 30.28
C VAL B 133 17.44 -2.52 29.64
N GLY B 134 17.61 -1.25 29.92
CA GLY B 134 18.70 -0.48 29.29
C GLY B 134 18.74 -0.47 27.75
N TYR B 135 19.95 -0.60 27.22
CA TYR B 135 20.22 -0.65 25.79
C TYR B 135 19.38 -1.60 24.95
N ALA B 136 18.79 -2.66 25.52
CA ALA B 136 17.84 -3.48 24.75
C ALA B 136 16.66 -2.65 24.19
N THR B 137 16.38 -1.46 24.72
CA THR B 137 15.23 -0.70 24.24
C THR B 137 15.45 -0.25 22.75
N VAL B 138 16.68 -0.34 22.26
CA VAL B 138 16.99 -0.27 20.85
C VAL B 138 15.99 -1.08 20.03
N LEU B 139 15.48 -2.16 20.61
CA LEU B 139 14.59 -3.10 19.93
C LEU B 139 13.13 -2.90 20.32
N THR B 140 12.87 -2.08 21.32
CA THR B 140 11.50 -1.88 21.78
C THR B 140 10.77 -1.00 20.83
N ARG B 141 9.61 -1.43 20.36
CA ARG B 141 8.81 -0.55 19.53
C ARG B 141 7.37 -0.50 20.09
N ALA B 142 6.85 0.71 20.22
CA ALA B 142 5.47 0.91 20.63
C ALA B 142 5.00 2.19 19.97
N THR B 143 3.70 2.40 19.93
CA THR B 143 3.18 3.62 19.34
C THR B 143 1.79 3.87 19.80
N ALA B 144 1.35 5.10 19.67
CA ALA B 144 -0.05 5.35 19.88
C ALA B 144 -0.48 6.52 19.00
N GLY B 145 -1.76 6.57 18.70
CA GLY B 145 -2.31 7.64 17.91
C GLY B 145 -3.83 7.73 17.95
N ILE B 146 -4.30 8.79 17.29
CA ILE B 146 -5.71 9.07 17.15
C ILE B 146 -6.18 8.85 15.72
N ILE B 147 -7.29 8.13 15.59
CA ILE B 147 -8.03 7.98 14.35
C ILE B 147 -9.35 8.72 14.51
N ARG B 148 -9.64 9.62 13.59
CA ARG B 148 -10.83 10.49 13.64
C ARG B 148 -11.79 10.25 12.53
N GLY B 149 -13.07 10.38 12.83
CA GLY B 149 -14.12 10.45 11.84
C GLY B 149 -14.62 11.87 11.85
N GLN B 150 -15.82 12.11 11.33
CA GLN B 150 -16.43 13.45 11.29
C GLN B 150 -16.42 13.99 12.71
N GLU B 151 -16.97 13.25 13.66
CA GLU B 151 -16.94 13.71 15.06
C GLU B 151 -16.16 12.80 16.03
N ARG B 152 -16.54 11.52 16.07
CA ARG B 152 -15.85 10.44 16.81
C ARG B 152 -14.29 10.38 16.76
N ILE B 153 -13.68 9.94 17.87
CA ILE B 153 -12.23 9.83 18.09
C ILE B 153 -12.00 8.40 18.52
N VAL B 154 -10.85 7.82 18.21
CA VAL B 154 -10.44 6.52 18.76
C VAL B 154 -8.93 6.58 19.05
N VAL B 155 -8.51 6.21 20.26
CA VAL B 155 -7.10 6.20 20.61
C VAL B 155 -6.63 4.79 20.50
N VAL B 156 -5.52 4.53 19.80
CA VAL B 156 -5.01 3.18 19.63
C VAL B 156 -3.61 3.19 20.21
N PHE B 157 -3.29 2.18 21.03
CA PHE B 157 -1.98 2.02 21.65
C PHE B 157 -1.50 0.70 21.15
N SER B 158 -0.27 0.59 20.68
CA SER B 158 0.23 -0.70 20.24
C SER B 158 1.51 -0.99 21.01
N LEU B 159 1.47 -2.10 21.77
CA LEU B 159 2.53 -2.48 22.73
C LEU B 159 3.15 -3.79 22.30
N PRO B 160 4.35 -4.05 22.73
CA PRO B 160 4.95 -5.35 22.53
C PRO B 160 4.16 -6.50 23.17
N GLY B 161 4.59 -7.72 22.88
CA GLY B 161 3.92 -8.92 23.37
C GLY B 161 4.20 -9.32 24.83
N SER B 162 5.42 -9.11 25.31
CA SER B 162 5.79 -9.60 26.64
C SER B 162 4.89 -9.00 27.75
N VAL B 163 4.56 -9.86 28.71
CA VAL B 163 3.82 -9.43 29.88
C VAL B 163 4.53 -8.24 30.57
N ASN B 164 5.85 -8.25 30.59
CA ASN B 164 6.57 -7.14 31.19
C ASN B 164 6.36 -5.86 30.44
N ALA B 165 6.47 -5.95 29.10
CA ALA B 165 6.32 -4.75 28.27
C ALA B 165 4.90 -4.21 28.44
N VAL B 166 3.91 -5.08 28.37
CA VAL B 166 2.54 -4.66 28.62
C VAL B 166 2.34 -3.97 29.99
N LYS B 167 2.98 -4.49 31.04
CA LYS B 167 2.88 -3.91 32.40
C LYS B 167 3.29 -2.46 32.36
N THR B 168 4.42 -2.22 31.70
CA THR B 168 4.97 -0.85 31.59
C THR B 168 4.06 0.09 30.82
N GLY B 169 3.41 -0.46 29.78
CA GLY B 169 2.50 0.31 28.94
C GLY B 169 1.25 0.66 29.69
N LEU B 170 0.78 -0.33 30.44
CA LEU B 170 -0.44 -0.11 31.24
C LEU B 170 -0.24 1.04 32.20
N GLU B 171 0.91 1.13 32.84
CA GLU B 171 1.11 2.26 33.76
C GLU B 171 0.92 3.56 33.03
N ILE B 172 1.49 3.67 31.83
CA ILE B 172 1.36 4.89 31.02
C ILE B 172 -0.08 5.10 30.53
N ILE B 173 -0.67 4.05 29.95
CA ILE B 173 -2.07 4.11 29.50
C ILE B 173 -3.01 4.55 30.65
N LYS B 174 -3.01 3.79 31.75
CA LYS B 174 -3.95 4.12 32.83
C LYS B 174 -3.68 5.51 33.40
N SER B 175 -2.43 5.93 33.49
CA SER B 175 -2.19 7.31 33.89
C SER B 175 -2.70 8.36 32.91
N GLU B 176 -2.64 8.13 31.58
CA GLU B 176 -2.96 9.25 30.68
C GLU B 176 -4.20 9.11 29.83
N VAL B 177 -4.83 7.96 29.81
CA VAL B 177 -5.94 7.77 28.89
C VAL B 177 -7.02 8.86 28.95
N PHE B 178 -7.40 9.30 30.12
CA PHE B 178 -8.50 10.26 30.18
C PHE B 178 -8.07 11.58 29.59
N HIS B 179 -6.82 11.95 29.88
CA HIS B 179 -6.22 13.18 29.33
C HIS B 179 -6.24 13.22 27.82
N ILE B 180 -5.77 12.12 27.22
CA ILE B 180 -5.72 11.96 25.79
C ILE B 180 -7.13 12.12 25.27
N LEU B 181 -8.06 11.37 25.84
CA LEU B 181 -9.43 11.45 25.39
C LEU B 181 -9.97 12.86 25.51
N LYS B 182 -9.64 13.56 26.58
CA LYS B 182 -10.12 14.94 26.72
C LYS B 182 -9.64 15.78 25.54
N HIS B 183 -8.34 15.84 25.35
CA HIS B 183 -7.76 16.71 24.33
C HIS B 183 -8.14 16.34 22.91
N ALA B 184 -8.30 15.04 22.66
CA ALA B 184 -8.66 14.48 21.36
C ALA B 184 -10.07 14.88 20.94
N ARG B 185 -10.95 15.00 21.92
CA ARG B 185 -12.36 15.16 21.63
C ARG B 185 -12.70 16.62 21.45
N GLU B 186 -11.85 17.50 21.98
CA GLU B 186 -12.14 18.93 22.05
C GLU B 186 -12.54 19.50 20.69
N ALA C 27 27.85 19.98 -22.13
CA ALA C 27 26.85 19.03 -22.78
C ALA C 27 27.46 17.65 -23.12
N PRO C 28 26.76 16.53 -22.77
CA PRO C 28 27.34 15.16 -22.87
C PRO C 28 27.52 14.58 -24.30
N LYS C 29 28.73 14.06 -24.56
CA LYS C 29 29.19 13.54 -25.89
C LYS C 29 28.79 12.08 -26.10
N THR C 30 29.25 11.22 -25.19
CA THR C 30 28.62 9.89 -24.96
C THR C 30 28.62 9.42 -23.48
N PHE C 31 27.71 8.52 -23.14
CA PHE C 31 27.59 8.00 -21.76
C PHE C 31 27.99 6.53 -21.59
N LYS C 32 28.14 6.15 -20.34
CA LYS C 32 28.36 4.75 -20.01
C LYS C 32 27.05 4.17 -19.46
N PHE C 33 26.78 2.90 -19.76
CA PHE C 33 25.61 2.24 -19.17
C PHE C 33 25.75 0.81 -18.67
N GLY C 34 24.83 0.48 -17.74
CA GLY C 34 24.74 -0.83 -17.12
C GLY C 34 23.35 -1.39 -17.34
N VAL C 35 23.25 -2.70 -17.31
CA VAL C 35 21.99 -3.39 -17.44
C VAL C 35 21.90 -4.43 -16.31
N ILE C 36 20.73 -4.51 -15.69
CA ILE C 36 20.48 -5.51 -14.64
C ILE C 36 19.16 -6.19 -14.93
N THR C 37 19.16 -7.49 -15.17
CA THR C 37 17.87 -8.15 -15.34
C THR C 37 17.55 -8.82 -14.00
N VAL C 38 16.38 -8.57 -13.45
CA VAL C 38 16.04 -9.19 -12.18
C VAL C 38 14.97 -10.30 -12.37
N SER C 39 15.39 -11.53 -12.04
CA SER C 39 14.63 -12.75 -12.33
C SER C 39 15.12 -13.95 -11.49
N ASP C 40 14.25 -14.45 -10.61
CA ASP C 40 14.60 -15.63 -9.82
C ASP C 40 14.98 -16.77 -10.79
N LYS C 41 14.10 -17.07 -11.74
CA LYS C 41 14.37 -18.13 -12.74
C LYS C 41 15.66 -17.85 -13.52
N GLY C 42 15.80 -16.64 -14.05
CA GLY C 42 17.03 -16.26 -14.76
C GLY C 42 18.31 -16.38 -13.97
N ALA C 43 18.30 -15.86 -12.74
CA ALA C 43 19.50 -15.91 -11.89
C ALA C 43 19.97 -17.34 -11.57
N LYS C 44 19.05 -18.31 -11.76
CA LYS C 44 19.24 -19.71 -11.41
C LYS C 44 19.82 -20.49 -12.58
N GLY C 45 19.41 -20.13 -13.80
CA GLY C 45 19.86 -20.77 -15.04
C GLY C 45 18.72 -21.48 -15.78
N GLU C 46 17.47 -21.11 -15.49
CA GLU C 46 16.31 -21.89 -15.89
C GLU C 46 15.55 -21.27 -17.04
N ARG C 47 15.40 -19.94 -17.05
CA ARG C 47 14.84 -19.23 -18.19
C ARG C 47 16.02 -18.48 -18.78
N GLU C 48 16.08 -18.42 -20.11
CA GLU C 48 17.12 -17.69 -20.83
C GLU C 48 16.75 -16.21 -20.75
N ASP C 49 17.73 -15.36 -20.46
CA ASP C 49 17.50 -13.92 -20.46
C ASP C 49 17.50 -13.31 -21.89
N LYS C 50 16.33 -12.99 -22.42
CA LYS C 50 16.25 -12.40 -23.75
C LYS C 50 16.20 -10.85 -23.66
N SER C 51 15.78 -10.30 -22.52
CA SER C 51 15.57 -8.85 -22.36
C SER C 51 16.84 -8.03 -22.07
N GLY C 52 17.67 -8.48 -21.13
CA GLY C 52 18.95 -7.82 -20.92
C GLY C 52 19.71 -7.60 -22.24
N PRO C 53 19.98 -8.70 -22.98
CA PRO C 53 20.75 -8.61 -24.25
C PRO C 53 20.15 -7.67 -25.27
N LEU C 54 18.83 -7.66 -25.40
CA LEU C 54 18.19 -6.67 -26.26
C LEU C 54 18.60 -5.25 -25.82
N ILE C 55 18.39 -4.91 -24.54
CA ILE C 55 18.79 -3.61 -23.97
C ILE C 55 20.24 -3.31 -24.28
N ILE C 56 21.11 -4.30 -24.14
CA ILE C 56 22.54 -4.09 -24.38
C ILE C 56 22.79 -3.79 -25.87
N GLU C 57 22.08 -4.48 -26.75
CA GLU C 57 22.25 -4.29 -28.17
C GLU C 57 21.84 -2.88 -28.51
N GLU C 58 20.62 -2.51 -28.13
CA GLU C 58 20.06 -1.23 -28.52
C GLU C 58 20.80 -0.04 -27.98
N LEU C 59 21.24 -0.14 -26.74
CA LEU C 59 21.83 1.00 -26.08
C LEU C 59 23.27 1.08 -26.45
N SER C 60 23.86 -0.07 -26.81
CA SER C 60 25.25 -0.08 -27.27
C SER C 60 25.42 0.78 -28.55
N LYS C 61 24.35 1.01 -29.29
CA LYS C 61 24.35 1.92 -30.43
C LYS C 61 24.56 3.37 -30.07
N LEU C 62 24.28 3.74 -28.81
CA LEU C 62 24.35 5.14 -28.28
C LEU C 62 25.45 5.37 -27.15
N GLY C 63 25.65 4.41 -26.24
CA GLY C 63 26.66 4.59 -25.16
C GLY C 63 27.53 3.37 -24.97
N GLU C 64 28.55 3.44 -24.13
CA GLU C 64 29.49 2.36 -23.94
C GLU C 64 28.94 1.42 -22.83
N HIS C 65 28.73 0.15 -23.16
CA HIS C 65 28.22 -0.85 -22.19
C HIS C 65 29.27 -1.17 -21.22
N VAL C 66 29.07 -0.92 -19.92
CA VAL C 66 30.13 -1.21 -18.93
C VAL C 66 29.78 -2.27 -17.87
N TYR C 67 28.58 -2.83 -17.89
CA TYR C 67 28.13 -3.73 -16.81
C TYR C 67 26.88 -4.46 -17.15
N TYR C 68 26.87 -5.75 -16.85
CA TYR C 68 25.68 -6.61 -16.97
C TYR C 68 25.65 -7.71 -15.85
N LYS C 69 24.46 -8.00 -15.30
CA LYS C 69 24.30 -9.03 -14.29
C LYS C 69 22.86 -9.46 -14.19
N ILE C 70 22.65 -10.77 -13.93
CA ILE C 70 21.29 -11.32 -13.75
C ILE C 70 21.26 -11.55 -12.29
N VAL C 71 20.25 -11.01 -11.62
CA VAL C 71 20.14 -11.17 -10.15
C VAL C 71 18.76 -11.71 -9.78
N PRO C 72 18.68 -12.45 -8.69
CA PRO C 72 17.36 -12.84 -8.24
C PRO C 72 16.46 -11.65 -7.85
N ASP C 73 15.15 -11.90 -7.71
CA ASP C 73 14.20 -10.86 -7.33
C ASP C 73 14.37 -10.62 -5.85
N ASP C 74 15.45 -9.95 -5.49
CA ASP C 74 15.93 -9.82 -4.12
C ASP C 74 16.55 -8.40 -3.89
N LYS C 75 15.98 -7.64 -2.96
CA LYS C 75 16.42 -6.28 -2.74
C LYS C 75 17.89 -6.07 -2.62
N ILE C 76 18.57 -6.91 -1.85
CA ILE C 76 19.97 -6.67 -1.56
C ILE C 76 20.78 -6.98 -2.80
N GLU C 77 20.43 -8.04 -3.53
CA GLU C 77 21.15 -8.36 -4.77
C GLU C 77 20.99 -7.27 -5.84
N VAL C 78 19.75 -6.79 -6.01
CA VAL C 78 19.46 -5.70 -6.93
C VAL C 78 20.24 -4.44 -6.61
N LEU C 79 20.23 -4.05 -5.34
CA LEU C 79 21.05 -2.91 -4.90
C LEU C 79 22.55 -3.13 -5.07
N ILE C 80 23.04 -4.34 -4.80
CA ILE C 80 24.46 -4.61 -4.96
C ILE C 80 24.81 -4.39 -6.45
N ALA C 81 23.94 -4.84 -7.32
CA ALA C 81 24.16 -4.72 -8.75
C ALA C 81 24.16 -3.22 -9.16
N LEU C 82 23.11 -2.50 -8.82
CA LEU C 82 22.98 -1.11 -9.17
C LEU C 82 24.26 -0.37 -8.83
N PHE C 83 24.82 -0.60 -7.66
CA PHE C 83 25.97 0.20 -7.26
C PHE C 83 27.27 -0.30 -7.85
N GLU C 84 27.32 -1.55 -8.27
CA GLU C 84 28.45 -2.02 -9.04
C GLU C 84 28.43 -1.37 -10.44
N ALA C 85 27.28 -1.35 -11.08
CA ALA C 85 27.12 -0.66 -12.35
C ALA C 85 27.64 0.78 -12.19
N ILE C 86 27.20 1.44 -11.12
CA ILE C 86 27.60 2.79 -10.90
C ILE C 86 29.10 2.89 -10.63
N LYS C 87 29.67 2.00 -9.83
CA LYS C 87 31.10 2.11 -9.53
C LYS C 87 31.91 1.90 -10.81
N SER C 88 31.44 1.03 -11.69
CA SER C 88 32.10 0.88 -12.99
C SER C 88 32.02 2.07 -13.93
N GLY C 89 31.49 3.22 -13.46
CA GLY C 89 31.35 4.43 -14.23
C GLY C 89 30.05 4.59 -15.00
N ALA C 90 29.07 3.71 -14.84
CA ALA C 90 27.76 3.94 -15.52
C ALA C 90 27.10 5.25 -15.13
N ASP C 91 26.58 5.96 -16.13
CA ASP C 91 25.77 7.18 -15.97
C ASP C 91 24.27 6.89 -16.07
N VAL C 92 23.96 5.81 -16.79
CA VAL C 92 22.62 5.33 -17.03
C VAL C 92 22.57 3.84 -16.65
N VAL C 93 21.52 3.39 -16.00
CA VAL C 93 21.37 1.99 -15.62
C VAL C 93 19.95 1.59 -15.87
N VAL C 94 19.77 0.45 -16.51
CA VAL C 94 18.45 -0.02 -16.78
C VAL C 94 18.23 -1.41 -16.27
N THR C 95 17.18 -1.53 -15.48
CA THR C 95 16.85 -2.78 -14.85
C THR C 95 15.70 -3.25 -15.65
N THR C 96 15.69 -4.55 -15.90
CA THR C 96 14.48 -5.20 -16.39
C THR C 96 13.97 -6.31 -15.46
N GLY C 97 12.68 -6.28 -15.15
CA GLY C 97 12.09 -7.28 -14.24
C GLY C 97 11.87 -6.80 -12.79
N GLY C 98 10.86 -7.35 -12.14
CA GLY C 98 10.63 -7.15 -10.71
C GLY C 98 9.76 -5.93 -10.42
N THR C 99 9.01 -5.52 -11.45
CA THR C 99 8.25 -4.28 -11.39
C THR C 99 6.77 -4.53 -11.17
N GLY C 100 6.36 -5.78 -11.21
CA GLY C 100 4.93 -6.14 -11.03
C GLY C 100 4.35 -6.08 -9.63
N ILE C 101 3.18 -6.68 -9.49
CA ILE C 101 2.44 -6.65 -8.25
C ILE C 101 2.50 -7.93 -7.36
N THR C 102 3.41 -8.88 -7.65
CA THR C 102 3.59 -10.06 -6.74
C THR C 102 4.45 -9.68 -5.57
N ARG C 103 4.55 -10.58 -4.59
CA ARG C 103 5.33 -10.36 -3.33
C ARG C 103 6.81 -10.42 -3.64
N ARG C 104 7.10 -11.20 -4.66
CA ARG C 104 8.40 -11.34 -5.27
C ARG C 104 9.01 -9.99 -5.68
N ASP C 105 8.19 -9.15 -6.33
CA ASP C 105 8.62 -7.94 -7.05
C ASP C 105 9.04 -6.81 -6.16
N ILE C 106 10.34 -6.53 -6.06
CA ILE C 106 10.82 -5.48 -5.16
C ILE C 106 11.65 -4.38 -5.84
N THR C 107 11.72 -4.40 -7.19
CA THR C 107 12.63 -3.53 -7.95
C THR C 107 12.36 -2.06 -7.74
N ILE C 108 11.14 -1.62 -8.01
CA ILE C 108 10.76 -0.24 -7.78
C ILE C 108 10.87 0.18 -6.28
N GLU C 109 10.35 -0.67 -5.40
CA GLU C 109 10.45 -0.40 -3.95
C GLU C 109 11.92 -0.31 -3.50
N SER C 110 12.83 -1.07 -4.11
CA SER C 110 14.22 -0.99 -3.65
C SER C 110 14.94 0.30 -4.13
N ILE C 111 14.66 0.68 -5.38
CA ILE C 111 15.37 1.77 -6.07
C ILE C 111 14.73 3.13 -5.84
N LYS C 112 13.44 3.26 -6.09
CA LYS C 112 12.76 4.57 -6.07
C LYS C 112 13.09 5.46 -4.87
N PRO C 113 13.21 4.88 -3.66
CA PRO C 113 13.50 5.79 -2.55
C PRO C 113 14.91 6.45 -2.60
N LEU C 114 15.79 6.00 -3.49
CA LEU C 114 17.08 6.65 -3.69
C LEU C 114 17.07 7.90 -4.65
N PHE C 115 16.04 8.04 -5.47
CA PHE C 115 16.00 9.10 -6.45
C PHE C 115 15.99 10.46 -5.80
N ASP C 116 16.87 11.38 -6.20
CA ASP C 116 16.70 12.77 -5.80
C ASP C 116 15.67 13.50 -6.66
N LYS C 117 15.44 13.07 -7.89
CA LYS C 117 14.39 13.67 -8.72
C LYS C 117 13.72 12.53 -9.46
N GLU C 118 12.40 12.50 -9.51
CA GLU C 118 11.72 11.43 -10.23
C GLU C 118 11.20 11.92 -11.59
N LEU C 119 11.21 11.07 -12.62
CA LEU C 119 10.82 11.50 -13.96
C LEU C 119 9.41 11.05 -14.17
N SER C 120 8.74 11.58 -15.19
CA SER C 120 7.38 11.14 -15.59
C SER C 120 7.47 9.96 -16.60
N PHE C 121 8.52 9.17 -16.49
CA PHE C 121 8.74 8.09 -17.42
C PHE C 121 7.64 7.04 -17.45
N GLY C 122 7.02 6.76 -16.31
CA GLY C 122 6.04 5.69 -16.24
C GLY C 122 4.82 6.07 -17.01
N GLU C 123 4.44 7.35 -16.87
CA GLU C 123 3.25 7.84 -17.54
C GLU C 123 3.44 7.74 -19.03
N VAL C 124 4.60 8.19 -19.51
CA VAL C 124 4.90 8.17 -20.95
C VAL C 124 4.95 6.73 -21.47
N PHE C 125 5.67 5.90 -20.74
CA PHE C 125 5.67 4.45 -20.95
C PHE C 125 4.26 3.91 -21.04
N ARG C 126 3.44 4.22 -20.05
CA ARG C 126 2.10 3.71 -20.06
C ARG C 126 1.30 4.24 -21.24
N ALA C 127 1.49 5.50 -21.61
CA ALA C 127 0.76 6.06 -22.77
C ALA C 127 1.12 5.32 -24.05
N LYS C 128 2.39 5.11 -24.31
CA LYS C 128 2.74 4.40 -25.53
C LYS C 128 2.19 2.97 -25.47
N SER C 129 2.36 2.32 -24.32
CA SER C 129 1.96 0.93 -24.15
C SER C 129 0.47 0.73 -24.31
N TYR C 130 -0.31 1.71 -23.92
CA TYR C 130 -1.75 1.60 -24.03
C TYR C 130 -2.17 1.25 -25.46
N GLU C 131 -1.47 1.75 -26.47
CA GLU C 131 -1.82 1.43 -27.85
C GLU C 131 -1.72 -0.08 -28.15
N GLU C 132 -0.72 -0.76 -27.56
CA GLU C 132 -0.57 -2.18 -27.85
CA GLU C 132 -0.48 -2.20 -27.79
C GLU C 132 -1.27 -3.07 -26.80
N VAL C 133 -1.63 -2.52 -25.62
CA VAL C 133 -2.32 -3.35 -24.61
C VAL C 133 -3.49 -2.73 -23.86
N GLY C 134 -3.91 -1.52 -24.24
CA GLY C 134 -5.10 -0.88 -23.64
C GLY C 134 -5.16 -0.93 -22.10
N TYR C 135 -6.31 -1.31 -21.56
CA TYR C 135 -6.53 -1.36 -20.11
C TYR C 135 -5.54 -2.24 -19.31
N ALA C 136 -4.80 -3.14 -19.96
CA ALA C 136 -3.80 -3.93 -19.24
C ALA C 136 -2.74 -3.02 -18.66
N THR C 137 -2.67 -1.75 -19.09
CA THR C 137 -1.62 -0.85 -18.56
C THR C 137 -1.82 -0.52 -17.07
N VAL C 138 -2.99 -0.84 -16.54
CA VAL C 138 -3.28 -0.70 -15.10
C VAL C 138 -2.26 -1.49 -14.26
N LEU C 139 -1.73 -2.59 -14.82
CA LEU C 139 -0.66 -3.34 -14.19
C LEU C 139 0.74 -2.89 -14.55
N THR C 140 0.88 -2.08 -15.60
CA THR C 140 2.22 -1.71 -16.03
C THR C 140 2.84 -0.74 -15.03
N ARG C 141 4.02 -1.13 -14.53
CA ARG C 141 4.76 -0.25 -13.67
C ARG C 141 6.19 -0.13 -14.19
N ALA C 142 6.69 1.09 -14.17
CA ALA C 142 8.01 1.38 -14.71
C ALA C 142 8.29 2.72 -14.19
N THR C 143 9.55 3.02 -13.99
CA THR C 143 9.90 4.28 -13.36
C THR C 143 11.26 4.69 -13.82
N ALA C 144 11.60 5.95 -13.59
CA ALA C 144 12.96 6.45 -13.87
C ALA C 144 13.23 7.62 -12.95
N GLY C 145 14.48 7.81 -12.56
CA GLY C 145 14.80 8.93 -11.73
C GLY C 145 16.28 9.14 -11.72
N ILE C 146 16.70 10.19 -10.99
CA ILE C 146 18.08 10.60 -10.88
C ILE C 146 18.58 10.42 -9.48
N ILE C 147 19.71 9.74 -9.34
CA ILE C 147 20.45 9.73 -8.11
C ILE C 147 21.62 10.70 -8.30
N ARG C 148 21.83 11.62 -7.37
CA ARG C 148 22.94 12.54 -7.40
C ARG C 148 23.98 12.38 -6.30
N GLY C 149 25.25 12.56 -6.67
CA GLY C 149 26.32 12.81 -5.72
C GLY C 149 26.49 14.31 -5.55
N GLN C 150 27.62 14.76 -5.00
CA GLN C 150 27.95 16.18 -4.84
C GLN C 150 28.01 16.84 -6.22
N GLU C 151 28.66 16.17 -7.18
CA GLU C 151 28.60 16.58 -8.57
C GLU C 151 27.98 15.54 -9.54
N ARG C 152 28.34 14.26 -9.39
CA ARG C 152 27.87 13.17 -10.28
C ARG C 152 26.33 12.87 -10.30
N ILE C 153 25.81 12.36 -11.42
CA ILE C 153 24.38 12.11 -11.68
C ILE C 153 24.30 10.74 -12.21
N VAL C 154 23.29 9.96 -11.83
CA VAL C 154 23.03 8.68 -12.48
C VAL C 154 21.57 8.57 -12.81
N VAL C 155 21.23 8.03 -13.97
CA VAL C 155 19.84 7.98 -14.37
C VAL C 155 19.52 6.52 -14.35
N VAL C 156 18.40 6.16 -13.72
CA VAL C 156 18.00 4.77 -13.62
C VAL C 156 16.61 4.63 -14.20
N PHE C 157 16.46 3.71 -15.13
CA PHE C 157 15.21 3.37 -15.71
C PHE C 157 14.91 1.93 -15.21
N SER C 158 13.67 1.70 -14.80
CA SER C 158 13.27 0.36 -14.41
C SER C 158 12.09 -0.04 -15.21
N LEU C 159 12.29 -1.12 -15.95
CA LEU C 159 11.35 -1.61 -16.93
C LEU C 159 10.82 -2.97 -16.52
N PRO C 160 9.62 -3.32 -17.04
CA PRO C 160 9.11 -4.68 -16.86
C PRO C 160 9.97 -5.68 -17.56
N GLY C 161 9.62 -6.94 -17.36
CA GLY C 161 10.45 -8.07 -17.73
C GLY C 161 10.22 -8.54 -19.14
N SER C 162 8.99 -8.49 -19.64
CA SER C 162 8.73 -8.99 -20.99
C SER C 162 9.56 -8.25 -22.06
N VAL C 163 9.96 -8.99 -23.10
CA VAL C 163 10.63 -8.42 -24.26
C VAL C 163 9.82 -7.26 -24.90
N ASN C 164 8.51 -7.40 -25.04
CA ASN C 164 7.70 -6.32 -25.61
C ASN C 164 7.69 -5.05 -24.78
N ALA C 165 7.54 -5.22 -23.47
CA ALA C 165 7.55 -4.10 -22.57
C ALA C 165 8.92 -3.46 -22.69
N VAL C 166 9.95 -4.29 -22.84
CA VAL C 166 11.29 -3.71 -22.93
C VAL C 166 11.53 -2.89 -24.21
N LYS C 167 10.95 -3.33 -25.32
CA LYS C 167 11.12 -2.62 -26.59
C LYS C 167 10.41 -1.27 -26.53
N THR C 168 9.22 -1.22 -25.96
CA THR C 168 8.54 0.07 -25.81
C THR C 168 9.36 1.00 -24.93
N GLY C 169 9.94 0.47 -23.85
CA GLY C 169 10.83 1.30 -22.99
C GLY C 169 12.09 1.82 -23.69
N LEU C 170 12.66 0.94 -24.49
CA LEU C 170 13.82 1.29 -25.29
C LEU C 170 13.52 2.39 -26.32
N GLU C 171 12.36 2.38 -26.91
CA GLU C 171 12.04 3.47 -27.80
C GLU C 171 12.24 4.81 -27.03
N ILE C 172 11.78 4.83 -25.78
CA ILE C 172 11.72 6.08 -25.01
C ILE C 172 13.09 6.49 -24.51
N ILE C 173 13.86 5.53 -24.04
CA ILE C 173 15.22 5.82 -23.57
C ILE C 173 16.09 6.34 -24.70
N LYS C 174 16.11 5.62 -25.84
CA LYS C 174 16.80 6.03 -27.06
C LYS C 174 16.39 7.46 -27.44
N SER C 175 15.11 7.79 -27.39
CA SER C 175 14.69 9.16 -27.70
C SER C 175 15.13 10.21 -26.66
N GLU C 176 15.27 9.85 -25.37
CA GLU C 176 15.46 10.90 -24.35
C GLU C 176 16.69 10.82 -23.51
N VAL C 177 17.47 9.77 -23.65
CA VAL C 177 18.61 9.60 -22.74
C VAL C 177 19.50 10.83 -22.68
N PHE C 178 19.78 11.46 -23.83
CA PHE C 178 20.66 12.66 -23.85
C PHE C 178 19.95 13.90 -23.32
N HIS C 179 18.69 14.08 -23.67
CA HIS C 179 17.95 15.20 -23.03
C HIS C 179 18.05 15.09 -21.50
N ILE C 180 17.82 13.87 -21.03
CA ILE C 180 17.75 13.63 -19.59
C ILE C 180 19.12 13.90 -19.00
N LEU C 181 20.16 13.33 -19.61
CA LEU C 181 21.47 13.49 -18.97
C LEU C 181 21.86 14.93 -18.90
N LYS C 182 21.49 15.68 -19.93
CA LYS C 182 21.89 17.07 -20.08
C LYS C 182 21.21 17.94 -19.01
N HIS C 183 19.89 17.82 -18.84
CA HIS C 183 19.23 18.56 -17.76
C HIS C 183 19.62 18.02 -16.43
N ALA C 184 19.84 16.72 -16.29
CA ALA C 184 20.23 16.16 -14.98
C ALA C 184 21.52 16.77 -14.44
N ARG C 185 22.48 17.09 -15.31
CA ARG C 185 23.80 17.59 -14.84
C ARG C 185 23.81 19.09 -14.81
N GLU C 186 22.69 19.69 -15.22
CA GLU C 186 22.46 21.14 -15.32
C GLU C 186 22.85 21.72 -16.69
#